data_3OQ4
#
_entry.id   3OQ4
#
_cell.length_a   83.714
_cell.length_b   99.707
_cell.length_c   127.045
_cell.angle_alpha   90.00
_cell.angle_beta   90.00
_cell.angle_gamma   90.00
#
_symmetry.space_group_name_H-M   'P 21 21 2'
#
loop_
_entity.id
_entity.type
_entity.pdbx_description
1 polymer DBF4
2 water water
#
_entity_poly.entity_id   1
_entity_poly.type   'polypeptide(L)'
_entity_poly.pdbx_seq_one_letter_code
;GSHMKRDSRIYFDITDDVEMNTYNKSKMDKRRDLLKRGFLTLGAQITQFFDTTVTIVITRRSVENIYLLKDTDILSRAKK
NYMKVWSYEKAARFLKNLDVDLDHLSKTKSASLAAPTLSNLLHNEKLYGPTDRD
;
_entity_poly.pdbx_strand_id   A,B,C,D,E
#
# COMPACT_ATOMS: atom_id res chain seq x y z
N HIS A 3 -43.53 15.10 7.26
CA HIS A 3 -43.33 13.70 6.91
C HIS A 3 -44.09 13.32 5.64
N MET A 4 -43.36 13.06 4.56
CA MET A 4 -43.96 12.75 3.26
C MET A 4 -43.74 11.28 2.90
N LYS A 5 -44.42 10.83 1.83
CA LYS A 5 -44.24 9.46 1.32
C LYS A 5 -42.76 9.04 1.26
N ARG A 6 -42.52 7.75 1.52
CA ARG A 6 -41.20 7.20 1.80
C ARG A 6 -40.06 7.66 0.86
N ASP A 7 -40.21 7.37 -0.44
CA ASP A 7 -39.17 7.73 -1.40
C ASP A 7 -39.73 8.52 -2.57
N SER A 8 -40.25 9.69 -2.26
CA SER A 8 -40.73 10.60 -3.28
C SER A 8 -39.54 11.20 -4.00
N ARG A 9 -39.63 11.18 -5.33
CA ARG A 9 -38.55 11.71 -6.16
C ARG A 9 -39.14 12.78 -7.07
N ILE A 10 -38.76 14.01 -6.79
CA ILE A 10 -39.40 15.14 -7.42
C ILE A 10 -38.50 15.75 -8.46
N TYR A 11 -39.00 15.86 -9.68
CA TYR A 11 -38.26 16.52 -10.73
C TYR A 11 -38.93 17.86 -11.08
N PHE A 12 -38.16 18.93 -11.08
CA PHE A 12 -38.69 20.25 -11.46
C PHE A 12 -38.48 20.51 -12.95
N ASP A 13 -39.57 20.54 -13.69
CA ASP A 13 -39.54 20.78 -15.13
C ASP A 13 -38.80 22.09 -15.42
N ILE A 14 -37.84 22.08 -16.35
CA ILE A 14 -37.03 23.28 -16.64
C ILE A 14 -37.49 24.01 -17.88
N THR A 15 -38.48 23.46 -18.58
CA THR A 15 -38.99 24.05 -19.82
C THR A 15 -40.24 24.89 -19.54
N ASP A 16 -40.36 26.03 -20.22
CA ASP A 16 -41.54 26.88 -20.12
C ASP A 16 -42.37 26.86 -21.40
N ASP A 17 -43.64 27.18 -21.27
CA ASP A 17 -44.50 27.33 -22.44
C ASP A 17 -45.22 28.68 -22.41
N VAL A 18 -44.69 29.60 -21.62
CA VAL A 18 -45.15 30.97 -21.62
C VAL A 18 -43.95 31.88 -21.81
N GLU A 19 -44.18 33.05 -22.38
CA GLU A 19 -43.14 34.01 -22.58
C GLU A 19 -43.20 35.00 -21.43
N MET A 20 -42.04 35.38 -20.91
CA MET A 20 -41.99 36.32 -19.79
C MET A 20 -40.70 37.12 -19.80
N ASN A 21 -40.69 38.27 -19.12
CA ASN A 21 -39.49 39.10 -19.06
C ASN A 21 -38.46 38.57 -18.06
N THR A 22 -37.22 39.01 -18.19
CA THR A 22 -36.11 38.51 -17.36
C THR A 22 -36.44 38.43 -15.87
N TYR A 23 -37.00 39.52 -15.35
CA TYR A 23 -37.28 39.63 -13.93
C TYR A 23 -38.38 38.69 -13.47
N ASN A 24 -39.38 38.52 -14.32
CA ASN A 24 -40.47 37.63 -14.00
C ASN A 24 -39.99 36.17 -14.04
N LYS A 25 -39.11 35.86 -14.99
CA LYS A 25 -38.44 34.57 -15.03
C LYS A 25 -37.61 34.30 -13.76
N SER A 26 -36.86 35.31 -13.30
CA SER A 26 -36.07 35.16 -12.08
C SER A 26 -36.99 34.84 -10.92
N LYS A 27 -38.11 35.55 -10.85
CA LYS A 27 -39.03 35.35 -9.75
C LYS A 27 -39.62 33.94 -9.76
N MET A 28 -40.01 33.44 -10.94
CA MET A 28 -40.48 32.04 -11.05
C MET A 28 -39.43 31.06 -10.52
N ASP A 29 -38.15 31.30 -10.84
CA ASP A 29 -37.08 30.47 -10.31
C ASP A 29 -36.98 30.54 -8.78
N LYS A 30 -37.23 31.72 -8.21
CA LYS A 30 -37.25 31.84 -6.77
C LYS A 30 -38.39 31.04 -6.18
N ARG A 31 -39.55 31.06 -6.82
CA ARG A 31 -40.67 30.24 -6.36
C ARG A 31 -40.33 28.75 -6.44
N ARG A 32 -39.73 28.36 -7.55
CA ARG A 32 -39.23 27.01 -7.70
C ARG A 32 -38.33 26.65 -6.50
N ASP A 33 -37.34 27.49 -6.20
CA ASP A 33 -36.41 27.20 -5.10
C ASP A 33 -37.09 27.08 -3.74
N LEU A 34 -38.15 27.85 -3.56
CA LEU A 34 -38.89 27.86 -2.32
C LEU A 34 -39.70 26.57 -2.20
N LEU A 35 -40.29 26.14 -3.30
CA LEU A 35 -41.01 24.88 -3.31
C LEU A 35 -40.04 23.75 -3.00
N LYS A 36 -38.83 23.87 -3.53
CA LYS A 36 -37.79 22.88 -3.37
C LYS A 36 -37.43 22.70 -1.88
N ARG A 37 -37.18 23.79 -1.17
CA ARG A 37 -36.89 23.64 0.25
C ARG A 37 -38.06 23.00 0.98
N GLY A 38 -39.28 23.39 0.59
CA GLY A 38 -40.48 22.81 1.18
C GLY A 38 -40.48 21.29 1.09
N PHE A 39 -40.33 20.77 -0.11
CA PHE A 39 -40.28 19.33 -0.28
C PHE A 39 -39.06 18.68 0.39
N LEU A 40 -37.90 19.33 0.34
CA LEU A 40 -36.71 18.78 0.97
C LEU A 40 -37.01 18.55 2.43
N THR A 41 -37.81 19.46 2.97
CA THR A 41 -38.17 19.45 4.38
C THR A 41 -39.10 18.29 4.70
N LEU A 42 -39.88 17.86 3.71
CA LEU A 42 -40.78 16.71 3.86
C LEU A 42 -40.12 15.36 3.57
N GLY A 43 -38.83 15.37 3.25
CA GLY A 43 -38.10 14.15 2.99
C GLY A 43 -38.10 13.73 1.53
N ALA A 44 -38.44 14.65 0.64
CA ALA A 44 -38.41 14.35 -0.77
C ALA A 44 -36.99 14.34 -1.26
N GLN A 45 -36.74 13.57 -2.32
CA GLN A 45 -35.49 13.67 -3.06
C GLN A 45 -35.74 14.51 -4.31
N ILE A 46 -34.92 15.53 -4.53
CA ILE A 46 -35.13 16.42 -5.65
C ILE A 46 -34.14 16.03 -6.76
N THR A 47 -34.66 15.48 -7.84
CA THR A 47 -33.78 14.93 -8.87
C THR A 47 -33.30 16.01 -9.83
N GLN A 48 -32.08 15.83 -10.32
CA GLN A 48 -31.47 16.78 -11.22
C GLN A 48 -31.87 16.43 -12.66
N PHE A 49 -32.12 15.15 -12.88
CA PHE A 49 -32.48 14.66 -14.20
C PHE A 49 -33.85 14.06 -14.10
N PHE A 50 -34.57 14.08 -15.22
CA PHE A 50 -35.79 13.32 -15.33
C PHE A 50 -35.51 11.90 -15.84
N ASP A 51 -36.15 10.91 -15.24
CA ASP A 51 -36.05 9.53 -15.73
C ASP A 51 -37.18 8.71 -15.13
N THR A 52 -37.20 7.40 -15.35
CA THR A 52 -38.36 6.60 -14.96
C THR A 52 -38.49 6.38 -13.45
N THR A 53 -37.46 6.75 -12.69
CA THR A 53 -37.51 6.64 -11.23
C THR A 53 -38.19 7.85 -10.56
N VAL A 54 -38.55 8.86 -11.35
CA VAL A 54 -39.20 10.06 -10.84
C VAL A 54 -40.66 9.77 -10.50
N THR A 55 -41.12 10.19 -9.33
CA THR A 55 -42.52 9.94 -8.99
C THR A 55 -43.43 11.18 -9.12
N ILE A 56 -42.85 12.36 -8.97
CA ILE A 56 -43.58 13.60 -9.08
C ILE A 56 -42.79 14.58 -9.91
N VAL A 57 -43.48 15.18 -10.88
CA VAL A 57 -42.92 16.25 -11.70
C VAL A 57 -43.66 17.56 -11.41
N ILE A 58 -42.90 18.62 -11.15
CA ILE A 58 -43.49 19.92 -10.85
C ILE A 58 -43.15 20.93 -11.95
N THR A 59 -44.19 21.52 -12.56
CA THR A 59 -44.03 22.21 -13.83
C THR A 59 -44.73 23.57 -13.91
N ARG A 60 -44.17 24.48 -14.70
CA ARG A 60 -44.82 25.76 -14.96
C ARG A 60 -45.57 25.73 -16.29
N ARG A 61 -45.72 24.55 -16.87
CA ARG A 61 -46.32 24.41 -18.19
C ARG A 61 -47.76 23.91 -18.11
N SER A 62 -48.46 23.97 -19.24
CA SER A 62 -49.89 23.68 -19.28
C SER A 62 -50.22 22.19 -19.15
N VAL A 63 -50.63 21.80 -17.95
CA VAL A 63 -51.01 20.44 -17.65
C VAL A 63 -52.20 19.96 -18.50
N GLU A 64 -53.22 20.81 -18.66
CA GLU A 64 -54.40 20.46 -19.45
CA GLU A 64 -54.40 20.50 -19.46
C GLU A 64 -54.03 20.16 -20.90
N ASN A 65 -52.93 20.72 -21.37
CA ASN A 65 -52.54 20.53 -22.78
C ASN A 65 -51.39 19.55 -23.03
N ILE A 66 -51.09 18.73 -22.02
CA ILE A 66 -50.02 17.74 -22.14
C ILE A 66 -50.25 16.80 -23.34
N TYR A 67 -51.51 16.43 -23.58
CA TYR A 67 -51.84 15.50 -24.67
C TYR A 67 -51.35 15.97 -26.03
N LEU A 68 -51.06 17.27 -26.15
CA LEU A 68 -50.65 17.86 -27.40
C LEU A 68 -49.14 17.88 -27.57
N LEU A 69 -48.42 17.41 -26.56
CA LEU A 69 -46.97 17.42 -26.62
C LEU A 69 -46.40 16.17 -27.30
N LYS A 70 -45.18 16.29 -27.79
CA LYS A 70 -44.41 15.17 -28.30
C LYS A 70 -44.30 14.02 -27.29
N ASP A 71 -44.11 12.81 -27.81
CA ASP A 71 -43.91 11.64 -26.97
C ASP A 71 -42.62 11.67 -26.14
N THR A 72 -41.59 12.36 -26.65
CA THR A 72 -40.32 12.44 -25.92
C THR A 72 -40.31 13.51 -24.83
N ASP A 73 -41.33 14.35 -24.80
CA ASP A 73 -41.42 15.40 -23.79
C ASP A 73 -41.58 14.78 -22.40
N ILE A 74 -40.81 15.28 -21.43
CA ILE A 74 -40.84 14.69 -20.09
C ILE A 74 -42.26 14.64 -19.49
N LEU A 75 -43.08 15.64 -19.82
CA LEU A 75 -44.48 15.67 -19.39
C LEU A 75 -45.31 14.51 -19.98
N SER A 76 -45.12 14.23 -21.27
CA SER A 76 -45.73 13.04 -21.90
C SER A 76 -45.28 11.76 -21.20
N ARG A 77 -43.96 11.59 -21.07
CA ARG A 77 -43.44 10.39 -20.42
C ARG A 77 -43.92 10.28 -18.99
N ALA A 78 -44.08 11.41 -18.32
CA ALA A 78 -44.58 11.40 -16.95
C ALA A 78 -46.03 10.91 -16.83
N LYS A 79 -46.89 11.33 -17.76
CA LYS A 79 -48.29 10.90 -17.74
C LYS A 79 -48.34 9.41 -18.03
N LYS A 80 -47.60 9.02 -19.05
CA LYS A 80 -47.52 7.63 -19.47
C LYS A 80 -47.04 6.71 -18.34
N ASN A 81 -46.12 7.20 -17.51
CA ASN A 81 -45.62 6.39 -16.40
C ASN A 81 -46.41 6.55 -15.09
N TYR A 82 -47.52 7.26 -15.14
CA TYR A 82 -48.35 7.46 -13.95
C TYR A 82 -47.66 8.22 -12.81
N MET A 83 -46.77 9.14 -13.16
CA MET A 83 -46.25 10.05 -12.16
C MET A 83 -47.28 11.15 -11.94
N LYS A 84 -47.29 11.75 -10.76
CA LYS A 84 -48.10 12.93 -10.55
C LYS A 84 -47.44 14.10 -11.27
N VAL A 85 -48.26 14.92 -11.91
CA VAL A 85 -47.79 16.14 -12.55
C VAL A 85 -48.51 17.33 -11.93
N TRP A 86 -47.76 18.21 -11.28
CA TRP A 86 -48.32 19.32 -10.52
C TRP A 86 -47.82 20.65 -11.04
N SER A 87 -48.68 21.66 -11.03
CA SER A 87 -48.26 23.05 -11.24
C SER A 87 -47.65 23.57 -9.94
N TYR A 88 -46.98 24.71 -10.00
CA TYR A 88 -46.44 25.32 -8.78
C TYR A 88 -47.54 25.56 -7.75
N GLU A 89 -48.69 26.04 -8.22
CA GLU A 89 -49.84 26.33 -7.38
C GLU A 89 -50.35 25.09 -6.65
N LYS A 90 -50.54 24.00 -7.39
CA LYS A 90 -50.97 22.76 -6.76
C LYS A 90 -49.90 22.20 -5.81
N ALA A 91 -48.63 22.36 -6.16
CA ALA A 91 -47.54 21.90 -5.31
C ALA A 91 -47.58 22.68 -4.00
N ALA A 92 -47.78 24.00 -4.10
CA ALA A 92 -47.86 24.84 -2.91
C ALA A 92 -49.04 24.45 -2.02
N ARG A 93 -50.19 24.20 -2.64
CA ARG A 93 -51.37 23.71 -1.91
C ARG A 93 -51.03 22.43 -1.15
N PHE A 94 -50.35 21.51 -1.82
CA PHE A 94 -49.98 20.24 -1.19
C PHE A 94 -49.11 20.47 0.06
N LEU A 95 -48.09 21.30 -0.08
CA LEU A 95 -47.22 21.65 1.04
C LEU A 95 -48.02 22.24 2.18
N LYS A 96 -48.80 23.28 1.89
CA LYS A 96 -49.69 23.86 2.89
C LYS A 96 -50.53 22.80 3.60
N ASN A 97 -51.13 21.89 2.81
CA ASN A 97 -51.93 20.81 3.40
C ASN A 97 -51.17 19.90 4.35
N LEU A 98 -49.84 19.84 4.21
CA LEU A 98 -49.02 19.09 5.15
C LEU A 98 -48.36 20.00 6.15
N ASP A 99 -49.00 21.16 6.37
CA ASP A 99 -48.58 22.10 7.41
C ASP A 99 -47.13 22.56 7.31
N VAL A 100 -46.62 22.70 6.10
CA VAL A 100 -45.35 23.35 5.86
C VAL A 100 -45.60 24.84 5.70
N ASP A 101 -44.87 25.67 6.43
CA ASP A 101 -45.03 27.12 6.29
C ASP A 101 -43.94 27.68 5.39
N LEU A 102 -44.31 27.89 4.13
CA LEU A 102 -43.35 28.36 3.12
C LEU A 102 -42.66 29.66 3.50
N ASP A 103 -43.39 30.58 4.11
CA ASP A 103 -42.82 31.88 4.44
C ASP A 103 -41.78 31.79 5.56
N HIS A 104 -41.87 30.72 6.36
CA HIS A 104 -40.91 30.48 7.42
C HIS A 104 -39.62 29.86 6.86
N LEU A 105 -39.68 29.42 5.61
CA LEU A 105 -38.54 28.78 4.96
C LEU A 105 -37.53 29.79 4.40
N SER A 106 -38.05 30.92 3.93
CA SER A 106 -37.22 31.98 3.37
C SER A 106 -36.79 32.98 4.43
N LYS A 107 -35.70 33.70 4.16
CA LYS A 107 -35.30 34.83 4.98
C LYS A 107 -36.00 36.08 4.44
N THR A 108 -36.31 36.03 3.13
CA THR A 108 -36.99 37.13 2.47
C THR A 108 -38.50 36.91 2.50
N LYS A 109 -39.25 38.00 2.30
CA LYS A 109 -40.70 37.95 2.28
C LYS A 109 -41.20 37.01 1.18
N SER A 110 -42.23 36.24 1.48
CA SER A 110 -42.80 35.30 0.51
C SER A 110 -43.92 35.95 -0.31
N ALA A 111 -44.34 37.14 0.13
CA ALA A 111 -45.29 37.96 -0.65
C ALA A 111 -44.49 38.76 -1.67
N SER A 112 -43.17 38.74 -1.48
CA SER A 112 -42.23 39.38 -2.40
C SER A 112 -42.17 38.59 -3.72
N LEU A 113 -42.65 37.35 -3.66
CA LEU A 113 -42.63 36.47 -4.83
C LEU A 113 -43.95 36.52 -5.62
N ALA A 114 -44.91 37.31 -5.14
CA ALA A 114 -46.12 37.58 -5.89
C ALA A 114 -45.77 38.45 -7.10
N ALA A 115 -46.57 38.37 -8.16
CA ALA A 115 -46.37 39.19 -9.35
C ALA A 115 -47.63 40.00 -9.67
N PRO A 116 -47.94 41.00 -8.83
CA PRO A 116 -49.23 41.70 -8.79
C PRO A 116 -49.36 42.95 -9.66
N THR A 117 -48.27 43.40 -10.29
CA THR A 117 -48.26 44.68 -10.99
C THR A 117 -49.43 44.91 -11.96
N LEU A 118 -49.54 44.05 -12.97
CA LEU A 118 -50.55 44.24 -14.00
C LEU A 118 -51.96 44.20 -13.41
N SER A 119 -52.26 43.21 -12.58
CA SER A 119 -53.57 43.14 -11.94
C SER A 119 -53.85 44.33 -11.01
N ASN A 120 -52.81 44.96 -10.49
CA ASN A 120 -52.98 46.15 -9.66
C ASN A 120 -53.31 47.38 -10.50
N LEU A 121 -52.69 47.46 -11.68
CA LEU A 121 -52.99 48.53 -12.63
C LEU A 121 -54.39 48.42 -13.21
N LEU A 122 -54.92 47.18 -13.25
CA LEU A 122 -56.28 46.91 -13.71
C LEU A 122 -57.29 47.24 -12.62
N HIS A 123 -56.94 46.90 -11.38
CA HIS A 123 -57.78 47.20 -10.24
C HIS A 123 -57.88 48.71 -10.03
N ASN A 124 -56.77 49.41 -10.26
CA ASN A 124 -56.74 50.86 -10.13
C ASN A 124 -57.51 51.55 -11.27
N GLU A 125 -57.37 51.01 -12.48
CA GLU A 125 -58.05 51.58 -13.63
C GLU A 125 -59.56 51.43 -13.48
N LYS A 126 -59.97 50.34 -12.83
CA LYS A 126 -61.39 50.05 -12.63
C LYS A 126 -61.95 50.83 -11.43
N ARG B 6 -13.58 -13.58 -14.59
CA ARG B 6 -14.64 -14.16 -13.76
C ARG B 6 -14.81 -13.47 -12.39
N ASP B 7 -13.74 -12.89 -11.84
CA ASP B 7 -13.83 -12.13 -10.59
C ASP B 7 -14.73 -10.91 -10.74
N SER B 8 -15.70 -10.76 -9.85
CA SER B 8 -16.53 -9.56 -9.84
C SER B 8 -15.84 -8.50 -9.03
N ARG B 9 -15.65 -7.33 -9.62
CA ARG B 9 -15.08 -6.20 -8.90
C ARG B 9 -16.11 -5.09 -8.96
N ILE B 10 -16.63 -4.74 -7.80
CA ILE B 10 -17.74 -3.83 -7.71
C ILE B 10 -17.31 -2.50 -7.12
N TYR B 11 -17.57 -1.42 -7.84
CA TYR B 11 -17.32 -0.08 -7.34
C TYR B 11 -18.63 0.62 -7.03
N PHE B 12 -18.73 1.16 -5.82
CA PHE B 12 -19.89 1.96 -5.42
C PHE B 12 -19.65 3.44 -5.72
N ASP B 13 -20.38 3.95 -6.71
CA ASP B 13 -20.30 5.35 -7.09
C ASP B 13 -20.56 6.21 -5.84
N ILE B 14 -19.69 7.19 -5.61
CA ILE B 14 -19.84 8.07 -4.45
C ILE B 14 -20.57 9.39 -4.79
N THR B 15 -20.67 9.71 -6.07
CA THR B 15 -21.31 10.97 -6.48
C THR B 15 -22.83 10.85 -6.55
N ASP B 16 -23.54 11.91 -6.18
CA ASP B 16 -25.00 11.97 -6.27
C ASP B 16 -25.47 12.98 -7.33
N ASP B 17 -26.64 12.74 -7.91
CA ASP B 17 -27.29 13.74 -8.75
C ASP B 17 -28.69 14.06 -8.23
N VAL B 18 -28.86 13.88 -6.94
CA VAL B 18 -30.15 14.04 -6.29
C VAL B 18 -29.92 14.79 -4.99
N GLU B 19 -30.66 15.87 -4.78
CA GLU B 19 -30.55 16.66 -3.57
C GLU B 19 -31.51 16.07 -2.53
N MET B 20 -31.07 16.01 -1.27
CA MET B 20 -31.88 15.40 -0.22
C MET B 20 -31.41 15.77 1.17
N ASN B 21 -32.28 15.59 2.17
CA ASN B 21 -31.93 15.89 3.55
C ASN B 21 -31.09 14.80 4.24
N THR B 22 -30.54 15.12 5.41
CA THR B 22 -29.64 14.21 6.09
C THR B 22 -30.28 12.85 6.36
N TYR B 23 -31.56 12.84 6.75
CA TYR B 23 -32.24 11.56 6.98
C TYR B 23 -32.18 10.66 5.76
N ASN B 24 -32.33 11.24 4.57
CA ASN B 24 -32.33 10.51 3.32
C ASN B 24 -30.93 10.04 2.94
N LYS B 25 -29.93 10.91 3.17
CA LYS B 25 -28.54 10.52 2.94
C LYS B 25 -28.14 9.33 3.82
N SER B 26 -28.59 9.33 5.07
CA SER B 26 -28.28 8.25 6.00
C SER B 26 -28.95 6.95 5.58
N LYS B 27 -30.17 7.07 5.09
CA LYS B 27 -30.91 5.94 4.57
C LYS B 27 -30.17 5.34 3.37
N MET B 28 -29.59 6.20 2.53
CA MET B 28 -28.87 5.76 1.34
C MET B 28 -27.59 5.01 1.72
N ASP B 29 -26.89 5.54 2.71
CA ASP B 29 -25.63 4.95 3.15
C ASP B 29 -25.85 3.61 3.84
N LYS B 30 -26.94 3.50 4.59
CA LYS B 30 -27.31 2.23 5.18
C LYS B 30 -27.65 1.23 4.09
N ARG B 31 -28.32 1.69 3.04
CA ARG B 31 -28.65 0.83 1.93
C ARG B 31 -27.37 0.43 1.21
N ARG B 32 -26.46 1.37 1.07
CA ARG B 32 -25.21 1.12 0.39
C ARG B 32 -24.43 0.04 1.11
N ASP B 33 -24.36 0.16 2.42
CA ASP B 33 -23.53 -0.73 3.20
C ASP B 33 -24.13 -2.14 3.14
N LEU B 34 -25.45 -2.21 3.18
CA LEU B 34 -26.16 -3.47 3.08
C LEU B 34 -25.92 -4.19 1.75
N LEU B 35 -26.02 -3.46 0.64
CA LEU B 35 -25.71 -4.02 -0.67
C LEU B 35 -24.27 -4.53 -0.70
N LYS B 36 -23.37 -3.75 -0.14
CA LYS B 36 -21.97 -4.08 -0.12
C LYS B 36 -21.70 -5.35 0.69
N ARG B 37 -22.42 -5.54 1.78
CA ARG B 37 -22.23 -6.72 2.60
C ARG B 37 -22.81 -7.92 1.88
N GLY B 38 -23.88 -7.70 1.13
CA GLY B 38 -24.51 -8.78 0.41
C GLY B 38 -23.63 -9.30 -0.71
N PHE B 39 -23.02 -8.41 -1.47
CA PHE B 39 -22.14 -8.83 -2.54
C PHE B 39 -20.87 -9.50 -2.01
N LEU B 40 -20.41 -9.07 -0.84
CA LEU B 40 -19.24 -9.70 -0.24
C LEU B 40 -19.51 -11.19 0.01
N THR B 41 -20.71 -11.50 0.50
CA THR B 41 -21.07 -12.89 0.73
C THR B 41 -21.16 -13.71 -0.55
N LEU B 42 -21.23 -13.04 -1.70
CA LEU B 42 -21.23 -13.74 -2.98
C LEU B 42 -19.82 -13.86 -3.58
N GLY B 43 -18.83 -13.41 -2.83
CA GLY B 43 -17.45 -13.47 -3.28
C GLY B 43 -16.99 -12.34 -4.20
N ALA B 44 -17.74 -11.24 -4.23
CA ALA B 44 -17.30 -10.11 -5.04
C ALA B 44 -16.23 -9.33 -4.28
N GLN B 45 -15.35 -8.67 -5.03
CA GLN B 45 -14.44 -7.72 -4.42
C GLN B 45 -15.01 -6.32 -4.57
N ILE B 46 -15.04 -5.58 -3.47
CA ILE B 46 -15.54 -4.23 -3.45
C ILE B 46 -14.35 -3.29 -3.49
N THR B 47 -14.19 -2.58 -4.60
CA THR B 47 -13.00 -1.75 -4.78
C THR B 47 -13.14 -0.35 -4.20
N GLN B 48 -12.03 0.18 -3.67
CA GLN B 48 -11.99 1.54 -3.14
C GLN B 48 -11.88 2.54 -4.28
N PHE B 49 -11.19 2.14 -5.34
CA PHE B 49 -10.98 3.00 -6.50
C PHE B 49 -11.75 2.51 -7.69
N PHE B 50 -12.08 3.44 -8.57
CA PHE B 50 -12.59 3.08 -9.88
C PHE B 50 -11.42 3.04 -10.84
N ASP B 51 -11.44 2.05 -11.72
CA ASP B 51 -10.44 1.91 -12.75
C ASP B 51 -10.93 0.88 -13.76
N THR B 52 -10.12 0.53 -14.76
CA THR B 52 -10.60 -0.37 -15.79
C THR B 52 -10.70 -1.84 -15.38
N THR B 53 -10.40 -2.18 -14.13
CA THR B 53 -10.55 -3.57 -13.70
C THR B 53 -11.92 -3.81 -13.09
N VAL B 54 -12.64 -2.73 -12.82
CA VAL B 54 -14.02 -2.80 -12.33
C VAL B 54 -14.93 -3.48 -13.35
N THR B 55 -15.89 -4.28 -12.86
CA THR B 55 -16.82 -5.00 -13.74
C THR B 55 -18.25 -4.51 -13.54
N ILE B 56 -18.56 -4.00 -12.35
CA ILE B 56 -19.89 -3.53 -12.04
C ILE B 56 -19.79 -2.23 -11.24
N VAL B 57 -20.55 -1.23 -11.65
CA VAL B 57 -20.64 0.01 -10.88
C VAL B 57 -22.05 0.10 -10.34
N ILE B 58 -22.17 0.32 -9.03
CA ILE B 58 -23.46 0.46 -8.40
C ILE B 58 -23.63 1.91 -7.96
N THR B 59 -24.66 2.56 -8.51
CA THR B 59 -24.79 4.01 -8.43
C THR B 59 -26.17 4.45 -7.95
N ARG B 60 -26.23 5.64 -7.35
CA ARG B 60 -27.51 6.27 -6.98
C ARG B 60 -27.91 7.28 -8.05
N ARG B 61 -27.06 7.44 -9.05
CA ARG B 61 -27.30 8.43 -10.08
C ARG B 61 -28.14 7.89 -11.22
N SER B 62 -28.47 8.77 -12.15
CA SER B 62 -29.45 8.49 -13.18
C SER B 62 -28.83 7.76 -14.35
N VAL B 63 -29.12 6.47 -14.44
CA VAL B 63 -28.52 5.60 -15.43
C VAL B 63 -28.99 5.96 -16.85
N GLU B 64 -30.27 6.25 -17.00
CA GLU B 64 -30.83 6.63 -18.30
CA GLU B 64 -30.81 6.61 -18.31
C GLU B 64 -30.10 7.83 -18.88
N ASN B 65 -29.53 8.65 -18.00
CA ASN B 65 -28.90 9.89 -18.45
C ASN B 65 -27.37 9.91 -18.48
N ILE B 66 -26.74 8.75 -18.47
CA ILE B 66 -25.29 8.70 -18.51
C ILE B 66 -24.76 9.40 -19.76
N TYR B 67 -25.45 9.24 -20.89
CA TYR B 67 -24.99 9.82 -22.16
C TYR B 67 -24.76 11.33 -22.11
N LEU B 68 -25.34 11.99 -21.11
CA LEU B 68 -25.20 13.44 -20.94
C LEU B 68 -24.00 13.87 -20.10
N LEU B 69 -23.29 12.91 -19.52
CA LEU B 69 -22.21 13.21 -18.58
C LEU B 69 -20.90 13.48 -19.31
N LYS B 70 -19.94 14.06 -18.61
CA LYS B 70 -18.63 14.24 -19.19
C LYS B 70 -17.99 12.87 -19.37
N ASP B 71 -17.13 12.75 -20.37
CA ASP B 71 -16.50 11.49 -20.69
C ASP B 71 -15.53 11.05 -19.60
N THR B 72 -15.17 11.98 -18.70
CA THR B 72 -14.33 11.67 -17.55
C THR B 72 -15.12 11.14 -16.36
N ASP B 73 -16.44 11.29 -16.38
CA ASP B 73 -17.25 10.77 -15.30
C ASP B 73 -17.07 9.25 -15.25
N ILE B 74 -16.98 8.69 -14.05
CA ILE B 74 -16.73 7.25 -13.95
C ILE B 74 -17.87 6.44 -14.64
N LEU B 75 -19.08 6.98 -14.64
CA LEU B 75 -20.21 6.34 -15.33
C LEU B 75 -20.02 6.34 -16.83
N SER B 76 -19.42 7.40 -17.37
CA SER B 76 -19.14 7.45 -18.80
C SER B 76 -18.10 6.41 -19.12
N ARG B 77 -17.04 6.38 -18.33
CA ARG B 77 -15.99 5.39 -18.50
C ARG B 77 -16.57 4.00 -18.38
N ALA B 78 -17.40 3.80 -17.37
CA ALA B 78 -17.96 2.46 -17.14
C ALA B 78 -18.72 1.94 -18.35
N LYS B 79 -19.62 2.76 -18.89
CA LYS B 79 -20.43 2.38 -20.05
C LYS B 79 -19.52 2.15 -21.26
N LYS B 80 -18.51 3.01 -21.38
CA LYS B 80 -17.55 2.93 -22.46
C LYS B 80 -16.74 1.63 -22.42
N ASN B 81 -16.35 1.21 -21.22
CA ASN B 81 -15.64 -0.05 -21.04
C ASN B 81 -16.52 -1.29 -20.93
N TYR B 82 -17.82 -1.16 -21.18
CA TYR B 82 -18.73 -2.31 -21.17
C TYR B 82 -18.95 -2.96 -19.79
N MET B 83 -18.71 -2.19 -18.74
CA MET B 83 -19.03 -2.62 -17.40
C MET B 83 -20.54 -2.53 -17.20
N LYS B 84 -21.06 -3.30 -16.26
CA LYS B 84 -22.46 -3.14 -15.87
C LYS B 84 -22.67 -1.94 -14.94
N VAL B 85 -23.75 -1.21 -15.16
CA VAL B 85 -24.12 -0.10 -14.30
C VAL B 85 -25.50 -0.34 -13.69
N TRP B 86 -25.57 -0.42 -12.37
CA TRP B 86 -26.77 -0.85 -11.68
C TRP B 86 -27.20 0.18 -10.67
N SER B 87 -28.52 0.43 -10.61
CA SER B 87 -29.09 1.22 -9.54
C SER B 87 -29.07 0.40 -8.26
N TYR B 88 -29.32 1.05 -7.12
CA TYR B 88 -29.47 0.30 -5.88
C TYR B 88 -30.62 -0.71 -5.98
N GLU B 89 -31.71 -0.31 -6.61
CA GLU B 89 -32.88 -1.18 -6.78
C GLU B 89 -32.53 -2.45 -7.56
N LYS B 90 -31.79 -2.31 -8.65
CA LYS B 90 -31.42 -3.44 -9.49
C LYS B 90 -30.42 -4.34 -8.77
N ALA B 91 -29.47 -3.73 -8.07
CA ALA B 91 -28.52 -4.50 -7.30
C ALA B 91 -29.23 -5.34 -6.24
N ALA B 92 -30.25 -4.75 -5.61
CA ALA B 92 -31.00 -5.44 -4.55
C ALA B 92 -31.81 -6.63 -5.07
N ARG B 93 -32.40 -6.48 -6.26
CA ARG B 93 -33.10 -7.58 -6.95
C ARG B 93 -32.15 -8.70 -7.30
N PHE B 94 -30.95 -8.34 -7.76
CA PHE B 94 -29.96 -9.34 -8.11
C PHE B 94 -29.58 -10.16 -6.88
N LEU B 95 -29.26 -9.47 -5.79
CA LEU B 95 -28.94 -10.16 -4.54
C LEU B 95 -30.09 -11.06 -4.10
N LYS B 96 -31.32 -10.59 -4.25
CA LYS B 96 -32.47 -11.40 -3.88
C LYS B 96 -32.56 -12.67 -4.74
N ASN B 97 -32.35 -12.54 -6.04
CA ASN B 97 -32.37 -13.72 -6.91
C ASN B 97 -31.24 -14.70 -6.64
N LEU B 98 -30.28 -14.31 -5.80
CA LEU B 98 -29.21 -15.21 -5.44
C LEU B 98 -29.29 -15.63 -3.99
N ASP B 99 -30.49 -15.52 -3.42
CA ASP B 99 -30.75 -16.07 -2.09
C ASP B 99 -30.10 -15.28 -0.96
N VAL B 100 -29.57 -14.11 -1.27
CA VAL B 100 -29.03 -13.26 -0.23
C VAL B 100 -30.19 -12.59 0.52
N ASP B 101 -30.38 -13.01 1.77
CA ASP B 101 -31.43 -12.44 2.61
C ASP B 101 -30.97 -11.09 3.16
N LEU B 102 -31.54 -10.02 2.61
CA LEU B 102 -31.15 -8.68 3.01
C LEU B 102 -31.72 -8.27 4.37
N ASP B 103 -32.94 -8.71 4.67
CA ASP B 103 -33.57 -8.39 5.94
C ASP B 103 -32.80 -9.00 7.10
N HIS B 104 -32.28 -10.21 6.90
CA HIS B 104 -31.48 -10.88 7.92
C HIS B 104 -30.12 -10.21 8.04
N LEU B 105 -29.60 -9.75 6.90
CA LEU B 105 -28.33 -9.06 6.84
C LEU B 105 -28.45 -7.69 7.50
N SER B 106 -29.61 -7.07 7.33
CA SER B 106 -29.94 -5.78 7.94
C SER B 106 -29.96 -5.91 9.46
N LYS B 107 -30.79 -6.83 9.95
CA LYS B 107 -30.84 -7.16 11.36
C LYS B 107 -29.70 -8.13 11.74
N ASP C 7 19.64 -8.78 -13.02
CA ASP C 7 19.17 -9.23 -11.70
C ASP C 7 17.75 -8.76 -11.45
N SER C 8 16.78 -9.62 -11.74
CA SER C 8 15.38 -9.30 -11.49
C SER C 8 15.06 -9.44 -10.03
N ARG C 9 14.59 -8.36 -9.42
CA ARG C 9 14.30 -8.36 -8.00
C ARG C 9 12.88 -7.91 -7.77
N ILE C 10 12.04 -8.85 -7.36
CA ILE C 10 10.61 -8.66 -7.43
C ILE C 10 10.02 -8.61 -6.05
N TYR C 11 9.32 -7.52 -5.74
CA TYR C 11 8.68 -7.37 -4.45
C TYR C 11 7.16 -7.50 -4.64
N PHE C 12 6.53 -8.30 -3.79
CA PHE C 12 5.08 -8.41 -3.76
C PHE C 12 4.44 -7.48 -2.72
N ASP C 13 3.68 -6.50 -3.21
CA ASP C 13 2.93 -5.57 -2.38
C ASP C 13 2.00 -6.33 -1.46
N ILE C 14 2.03 -6.00 -0.17
CA ILE C 14 1.21 -6.72 0.82
C ILE C 14 -0.04 -5.95 1.22
N THR C 15 -0.17 -4.73 0.72
CA THR C 15 -1.33 -3.91 1.00
C THR C 15 -2.41 -4.10 -0.06
N ASP C 16 -3.67 -4.08 0.37
CA ASP C 16 -4.81 -4.15 -0.56
C ASP C 16 -5.58 -2.84 -0.61
N ASP C 17 -6.36 -2.61 -1.65
CA ASP C 17 -7.28 -1.46 -1.69
C ASP C 17 -8.67 -1.91 -2.10
N VAL C 18 -8.98 -3.14 -1.72
CA VAL C 18 -10.17 -3.82 -2.16
C VAL C 18 -10.68 -4.58 -0.94
N GLU C 19 -11.98 -4.64 -0.77
CA GLU C 19 -12.55 -5.39 0.33
C GLU C 19 -13.07 -6.72 -0.21
N MET C 20 -12.83 -7.80 0.51
CA MET C 20 -13.19 -9.13 0.02
C MET C 20 -13.27 -10.18 1.13
N ASN C 21 -14.01 -11.25 0.89
CA ASN C 21 -14.23 -12.27 1.92
C ASN C 21 -13.07 -13.27 2.02
N THR C 22 -13.11 -14.07 3.07
CA THR C 22 -12.04 -15.03 3.35
C THR C 22 -11.67 -15.90 2.16
N TYR C 23 -12.66 -16.48 1.51
CA TYR C 23 -12.37 -17.25 0.31
C TYR C 23 -11.51 -16.46 -0.70
N ASN C 24 -11.94 -15.26 -1.08
CA ASN C 24 -11.19 -14.43 -2.04
C ASN C 24 -9.78 -14.14 -1.59
N LYS C 25 -9.62 -13.80 -0.31
CA LYS C 25 -8.32 -13.54 0.29
C LYS C 25 -7.41 -14.75 0.10
N SER C 26 -7.95 -15.91 0.40
CA SER C 26 -7.19 -17.15 0.26
C SER C 26 -6.92 -17.44 -1.22
N LYS C 27 -7.86 -17.09 -2.08
CA LYS C 27 -7.65 -17.25 -3.51
C LYS C 27 -6.55 -16.32 -4.04
N MET C 28 -6.44 -15.11 -3.48
CA MET C 28 -5.40 -14.15 -3.88
C MET C 28 -4.01 -14.63 -3.47
N ASP C 29 -3.91 -15.17 -2.25
CA ASP C 29 -2.64 -15.67 -1.75
C ASP C 29 -2.13 -16.88 -2.57
N LYS C 30 -3.03 -17.74 -3.02
CA LYS C 30 -2.64 -18.82 -3.93
C LYS C 30 -2.12 -18.33 -5.28
N ARG C 31 -2.80 -17.38 -5.91
CA ARG C 31 -2.32 -16.80 -7.15
C ARG C 31 -0.96 -16.17 -6.93
N ARG C 32 -0.83 -15.45 -5.83
CA ARG C 32 0.43 -14.82 -5.46
C ARG C 32 1.59 -15.85 -5.39
N ASP C 33 1.35 -16.98 -4.75
CA ASP C 33 2.40 -17.98 -4.56
C ASP C 33 2.76 -18.63 -5.88
N LEU C 34 1.76 -18.79 -6.73
CA LEU C 34 1.93 -19.33 -8.06
C LEU C 34 2.79 -18.41 -8.91
N LEU C 35 2.53 -17.10 -8.84
CA LEU C 35 3.34 -16.12 -9.55
C LEU C 35 4.75 -16.10 -8.99
N LYS C 36 4.83 -16.18 -7.67
CA LYS C 36 6.10 -16.25 -6.96
C LYS C 36 6.91 -17.46 -7.47
N ARG C 37 6.31 -18.64 -7.47
CA ARG C 37 6.97 -19.83 -8.01
C ARG C 37 7.38 -19.64 -9.46
N GLY C 38 6.53 -18.99 -10.26
CA GLY C 38 6.87 -18.79 -11.66
C GLY C 38 8.11 -17.95 -11.86
N PHE C 39 8.21 -16.82 -11.15
CA PHE C 39 9.36 -15.94 -11.31
C PHE C 39 10.64 -16.51 -10.68
N LEU C 40 10.51 -17.23 -9.58
CA LEU C 40 11.67 -17.92 -9.02
C LEU C 40 12.26 -18.87 -10.06
N THR C 41 11.39 -19.67 -10.66
CA THR C 41 11.81 -20.65 -11.65
C THR C 41 12.60 -19.97 -12.76
N LEU C 42 12.19 -18.78 -13.14
CA LEU C 42 12.84 -18.07 -14.23
C LEU C 42 14.13 -17.37 -13.79
N GLY C 43 14.41 -17.37 -12.49
CA GLY C 43 15.66 -16.82 -11.98
C GLY C 43 15.57 -15.47 -11.30
N ALA C 44 14.36 -15.06 -10.93
CA ALA C 44 14.21 -13.81 -10.23
C ALA C 44 14.36 -14.06 -8.75
N GLN C 45 14.63 -12.99 -8.02
CA GLN C 45 14.69 -13.07 -6.57
C GLN C 45 13.45 -12.39 -6.00
N ILE C 46 12.79 -13.04 -5.05
CA ILE C 46 11.62 -12.48 -4.42
C ILE C 46 12.00 -11.82 -3.12
N THR C 47 12.04 -10.49 -3.12
CA THR C 47 12.53 -9.76 -1.96
C THR C 47 11.49 -9.72 -0.84
N GLN C 48 11.98 -9.86 0.39
CA GLN C 48 11.14 -9.76 1.57
C GLN C 48 10.79 -8.28 1.84
N PHE C 49 11.68 -7.40 1.42
CA PHE C 49 11.58 -5.98 1.72
C PHE C 49 11.54 -5.19 0.44
N PHE C 50 10.84 -4.05 0.49
CA PHE C 50 10.90 -3.10 -0.59
C PHE C 50 12.03 -2.13 -0.33
N ASP C 51 12.85 -1.89 -1.35
CA ASP C 51 13.89 -0.88 -1.29
C ASP C 51 14.27 -0.52 -2.71
N THR C 52 15.26 0.35 -2.88
CA THR C 52 15.55 0.87 -4.20
C THR C 52 16.26 -0.13 -5.11
N THR C 53 16.49 -1.34 -4.63
CA THR C 53 17.16 -2.37 -5.45
C THR C 53 16.14 -3.26 -6.15
N VAL C 54 14.86 -3.04 -5.85
CA VAL C 54 13.76 -3.77 -6.45
C VAL C 54 13.60 -3.29 -7.89
N THR C 55 13.35 -4.21 -8.81
CA THR C 55 13.13 -3.81 -10.21
C THR C 55 11.67 -3.93 -10.63
N ILE C 56 10.94 -4.85 -9.99
CA ILE C 56 9.54 -5.07 -10.30
C ILE C 56 8.72 -5.21 -9.03
N VAL C 57 7.62 -4.48 -8.98
CA VAL C 57 6.64 -4.65 -7.91
C VAL C 57 5.37 -5.25 -8.48
N ILE C 58 4.88 -6.32 -7.87
CA ILE C 58 3.64 -6.94 -8.27
C ILE C 58 2.59 -6.70 -7.20
N THR C 59 1.45 -6.14 -7.62
CA THR C 59 0.45 -5.61 -6.68
C THR C 59 -0.98 -6.02 -7.03
N ARG C 60 -1.83 -6.09 -6.00
CA ARG C 60 -3.27 -6.28 -6.14
C ARG C 60 -4.01 -4.93 -6.08
N ARG C 61 -3.25 -3.83 -6.00
CA ARG C 61 -3.86 -2.51 -5.88
C ARG C 61 -3.98 -1.80 -7.21
N SER C 62 -4.70 -0.69 -7.21
CA SER C 62 -5.04 0.01 -8.44
C SER C 62 -3.86 0.75 -9.04
N VAL C 63 -3.30 0.19 -10.10
CA VAL C 63 -2.17 0.80 -10.78
C VAL C 63 -2.54 2.15 -11.43
N GLU C 64 -3.75 2.25 -11.96
CA GLU C 64 -4.22 3.46 -12.63
CA GLU C 64 -4.15 3.47 -12.64
C GLU C 64 -4.27 4.63 -11.67
N ASN C 65 -4.29 4.33 -10.37
CA ASN C 65 -4.53 5.37 -9.36
C ASN C 65 -3.38 5.64 -8.42
N ILE C 66 -2.18 5.24 -8.83
CA ILE C 66 -1.01 5.37 -7.98
C ILE C 66 -0.70 6.84 -7.69
N TYR C 67 -0.95 7.70 -8.68
CA TYR C 67 -0.73 9.13 -8.50
C TYR C 67 -1.50 9.74 -7.33
N LEU C 68 -2.56 9.07 -6.89
CA LEU C 68 -3.34 9.56 -5.77
C LEU C 68 -2.79 9.16 -4.40
N LEU C 69 -1.69 8.40 -4.39
CA LEU C 69 -1.15 7.87 -3.15
C LEU C 69 -0.09 8.79 -2.52
N LYS C 70 0.07 8.66 -1.21
CA LYS C 70 1.15 9.34 -0.51
C LYS C 70 2.50 9.01 -1.13
N ASP C 71 3.40 9.98 -1.13
CA ASP C 71 4.77 9.80 -1.61
C ASP C 71 5.43 8.66 -0.87
N THR C 72 4.87 8.35 0.30
CA THR C 72 5.46 7.37 1.19
C THR C 72 5.15 5.93 0.75
N ASP C 73 3.99 5.73 0.12
CA ASP C 73 3.57 4.42 -0.37
C ASP C 73 4.61 3.79 -1.29
N ILE C 74 4.88 2.49 -1.11
CA ILE C 74 5.89 1.81 -1.92
C ILE C 74 5.58 1.90 -3.41
N LEU C 75 4.30 1.98 -3.76
CA LEU C 75 3.92 2.14 -5.16
C LEU C 75 4.30 3.50 -5.71
N SER C 76 4.16 4.55 -4.91
CA SER C 76 4.61 5.88 -5.33
C SER C 76 6.11 5.85 -5.52
N ARG C 77 6.82 5.26 -4.55
CA ARG C 77 8.28 5.18 -4.60
C ARG C 77 8.73 4.36 -5.80
N ALA C 78 7.99 3.30 -6.11
CA ALA C 78 8.34 2.45 -7.26
C ALA C 78 8.24 3.21 -8.57
N LYS C 79 7.14 3.91 -8.78
CA LYS C 79 7.01 4.73 -9.98
C LYS C 79 8.10 5.82 -10.00
N LYS C 80 8.32 6.47 -8.87
CA LYS C 80 9.33 7.51 -8.80
C LYS C 80 10.71 6.95 -9.17
N ASN C 81 10.96 5.69 -8.83
CA ASN C 81 12.25 5.05 -9.10
C ASN C 81 12.27 4.28 -10.42
N TYR C 82 11.26 4.49 -11.25
CA TYR C 82 11.21 3.89 -12.59
C TYR C 82 11.20 2.36 -12.56
N MET C 83 10.60 1.78 -11.52
CA MET C 83 10.43 0.33 -11.49
C MET C 83 9.16 -0.03 -12.26
N LYS C 84 9.06 -1.28 -12.71
CA LYS C 84 7.81 -1.74 -13.28
C LYS C 84 6.86 -2.04 -12.14
N VAL C 85 5.59 -1.67 -12.35
CA VAL C 85 4.51 -2.03 -11.43
C VAL C 85 3.45 -2.80 -12.22
N TRP C 86 3.22 -4.04 -11.81
CA TRP C 86 2.39 -4.99 -12.54
C TRP C 86 1.27 -5.48 -11.66
N SER C 87 0.09 -5.63 -12.22
CA SER C 87 -1.01 -6.27 -11.52
C SER C 87 -0.76 -7.76 -11.57
N TYR C 88 -1.54 -8.53 -10.83
CA TYR C 88 -1.40 -9.99 -10.88
C TYR C 88 -1.67 -10.49 -12.28
N GLU C 89 -2.71 -9.92 -12.90
CA GLU C 89 -3.09 -10.30 -14.25
C GLU C 89 -1.96 -10.02 -15.23
N LYS C 90 -1.32 -8.87 -15.14
CA LYS C 90 -0.24 -8.58 -16.08
C LYS C 90 0.97 -9.49 -15.85
N ALA C 91 1.27 -9.76 -14.59
CA ALA C 91 2.35 -10.68 -14.23
C ALA C 91 2.04 -12.08 -14.75
N ALA C 92 0.77 -12.49 -14.63
CA ALA C 92 0.38 -13.80 -15.16
C ALA C 92 0.56 -13.90 -16.69
N ARG C 93 0.21 -12.83 -17.41
CA ARG C 93 0.34 -12.81 -18.87
C ARG C 93 1.79 -12.85 -19.27
N PHE C 94 2.62 -12.17 -18.49
CA PHE C 94 4.05 -12.17 -18.76
C PHE C 94 4.63 -13.60 -18.72
N LEU C 95 4.26 -14.35 -17.69
CA LEU C 95 4.68 -15.74 -17.56
C LEU C 95 4.07 -16.58 -18.67
N LYS C 96 2.78 -16.38 -18.94
CA LYS C 96 2.11 -17.17 -19.96
C LYS C 96 2.74 -16.94 -21.33
N ASN C 97 3.10 -15.69 -21.62
CA ASN C 97 3.77 -15.39 -22.89
C ASN C 97 5.15 -16.06 -23.01
N LEU C 98 5.77 -16.43 -21.88
CA LEU C 98 7.03 -17.18 -21.91
C LEU C 98 6.76 -18.69 -21.84
N ASP C 99 5.48 -19.08 -21.97
CA ASP C 99 5.08 -20.48 -22.00
C ASP C 99 5.34 -21.23 -20.69
N VAL C 100 5.32 -20.50 -19.58
CA VAL C 100 5.40 -21.12 -18.26
C VAL C 100 4.00 -21.60 -17.89
N ASP C 101 3.86 -22.91 -17.68
CA ASP C 101 2.57 -23.48 -17.37
C ASP C 101 2.30 -23.38 -15.89
N LEU C 102 1.57 -22.34 -15.52
CA LEU C 102 1.27 -22.02 -14.13
C LEU C 102 0.40 -23.10 -13.49
N ASP C 103 -0.67 -23.45 -14.18
CA ASP C 103 -1.64 -24.42 -13.68
C ASP C 103 -0.98 -25.67 -13.07
N HIS C 104 0.05 -26.18 -13.74
CA HIS C 104 0.76 -27.35 -13.25
C HIS C 104 2.05 -26.97 -12.56
N LEU C 105 2.06 -25.78 -11.96
CA LEU C 105 3.17 -25.32 -11.12
C LEU C 105 2.81 -25.44 -9.63
N HIS D 3 46.91 -2.29 -0.59
CA HIS D 3 46.76 -0.84 -0.68
C HIS D 3 45.54 -0.30 0.08
N MET D 4 44.78 -1.20 0.72
CA MET D 4 43.60 -0.79 1.49
C MET D 4 43.99 -0.38 2.90
N LYS D 5 43.00 -0.04 3.72
CA LYS D 5 43.21 0.29 5.12
C LYS D 5 44.13 -0.71 5.83
N ARG D 6 45.00 -0.19 6.69
CA ARG D 6 45.99 -1.02 7.39
C ARG D 6 45.40 -2.33 7.88
N ASP D 7 44.43 -2.23 8.79
CA ASP D 7 43.84 -3.42 9.41
C ASP D 7 42.34 -3.48 9.16
N SER D 8 41.96 -4.05 8.02
CA SER D 8 40.55 -4.18 7.68
C SER D 8 40.05 -5.57 8.02
N ARG D 9 38.99 -5.61 8.82
CA ARG D 9 38.35 -6.87 9.15
C ARG D 9 36.95 -6.92 8.54
N ILE D 10 36.78 -7.86 7.62
CA ILE D 10 35.57 -7.94 6.83
C ILE D 10 34.78 -9.20 7.11
N TYR D 11 33.53 -9.02 7.55
CA TYR D 11 32.62 -10.14 7.77
C TYR D 11 31.56 -10.22 6.67
N PHE D 12 31.41 -11.39 6.08
CA PHE D 12 30.36 -11.65 5.09
C PHE D 12 29.09 -12.20 5.73
N ASP D 13 28.07 -11.35 5.81
CA ASP D 13 26.73 -11.74 6.25
C ASP D 13 26.35 -13.05 5.58
N ILE D 14 25.94 -14.05 6.34
CA ILE D 14 25.51 -15.32 5.74
C ILE D 14 24.00 -15.41 5.58
N THR D 15 23.28 -14.44 6.12
CA THR D 15 21.82 -14.46 6.12
C THR D 15 21.31 -13.74 4.88
N ASP D 16 20.19 -14.20 4.34
CA ASP D 16 19.52 -13.52 3.23
C ASP D 16 18.13 -13.03 3.63
N ASP D 17 17.60 -12.08 2.88
CA ASP D 17 16.22 -11.63 3.05
C ASP D 17 15.47 -11.66 1.71
N VAL D 18 15.72 -12.70 0.93
CA VAL D 18 15.27 -12.76 -0.45
C VAL D 18 15.15 -14.23 -0.80
N GLU D 19 14.05 -14.65 -1.41
CA GLU D 19 13.94 -16.02 -1.93
C GLU D 19 14.53 -16.11 -3.32
N MET D 20 15.16 -17.24 -3.61
CA MET D 20 15.78 -17.45 -4.91
C MET D 20 16.03 -18.95 -5.10
N ASN D 21 16.22 -19.37 -6.35
CA ASN D 21 16.42 -20.79 -6.63
C ASN D 21 17.88 -21.24 -6.47
N THR D 22 18.08 -22.55 -6.50
CA THR D 22 19.40 -23.13 -6.27
C THR D 22 20.46 -22.53 -7.20
N TYR D 23 20.14 -22.41 -8.48
CA TYR D 23 21.07 -21.81 -9.43
C TYR D 23 21.49 -20.39 -9.02
N ASN D 24 20.59 -19.65 -8.39
CA ASN D 24 20.87 -18.28 -7.95
C ASN D 24 21.69 -18.25 -6.66
N LYS D 25 21.36 -19.14 -5.72
CA LYS D 25 22.12 -19.31 -4.49
C LYS D 25 23.58 -19.57 -4.85
N SER D 26 23.78 -20.56 -5.71
CA SER D 26 25.10 -20.99 -6.12
C SER D 26 25.84 -19.87 -6.84
N LYS D 27 25.07 -19.02 -7.51
CA LYS D 27 25.64 -17.91 -8.26
C LYS D 27 26.05 -16.75 -7.33
N MET D 28 25.29 -16.55 -6.25
CA MET D 28 25.64 -15.52 -5.28
C MET D 28 26.88 -15.93 -4.49
N ASP D 29 26.98 -17.23 -4.18
CA ASP D 29 28.15 -17.76 -3.50
C ASP D 29 29.43 -17.54 -4.30
N LYS D 30 29.35 -17.70 -5.62
CA LYS D 30 30.51 -17.46 -6.45
C LYS D 30 30.88 -15.98 -6.51
N ARG D 31 29.91 -15.12 -6.23
CA ARG D 31 30.20 -13.69 -6.16
C ARG D 31 30.72 -13.34 -4.78
N ARG D 32 30.39 -14.17 -3.80
CA ARG D 32 30.87 -13.96 -2.46
C ARG D 32 32.35 -14.38 -2.44
N ASP D 33 32.62 -15.60 -2.88
CA ASP D 33 33.98 -16.11 -2.99
C ASP D 33 34.87 -15.24 -3.86
N LEU D 34 34.26 -14.50 -4.77
CA LEU D 34 35.04 -13.63 -5.63
C LEU D 34 35.45 -12.39 -4.88
N LEU D 35 34.47 -11.77 -4.20
CA LEU D 35 34.75 -10.58 -3.40
C LEU D 35 35.76 -10.90 -2.29
N LYS D 36 35.56 -12.03 -1.63
CA LYS D 36 36.47 -12.49 -0.60
C LYS D 36 37.89 -12.54 -1.16
N ARG D 37 38.13 -13.45 -2.11
CA ARG D 37 39.42 -13.54 -2.81
C ARG D 37 39.98 -12.18 -3.20
N GLY D 38 39.10 -11.25 -3.53
CA GLY D 38 39.53 -9.94 -3.96
C GLY D 38 40.13 -9.17 -2.81
N PHE D 39 39.39 -9.13 -1.70
CA PHE D 39 39.81 -8.37 -0.53
C PHE D 39 41.06 -8.94 0.14
N LEU D 40 41.17 -10.26 0.15
CA LEU D 40 42.35 -10.93 0.67
C LEU D 40 43.61 -10.40 0.00
N THR D 41 43.55 -10.20 -1.32
CA THR D 41 44.71 -9.71 -2.05
C THR D 41 44.96 -8.22 -1.79
N LEU D 42 43.97 -7.52 -1.26
CA LEU D 42 44.19 -6.13 -0.85
C LEU D 42 44.60 -6.04 0.60
N GLY D 43 44.99 -7.18 1.18
CA GLY D 43 45.47 -7.24 2.54
C GLY D 43 44.42 -6.87 3.59
N ALA D 44 43.24 -7.45 3.42
CA ALA D 44 42.20 -7.31 4.44
C ALA D 44 42.09 -8.64 5.14
N GLN D 45 41.51 -8.62 6.33
CA GLN D 45 41.27 -9.85 7.05
C GLN D 45 39.78 -10.23 6.94
N ILE D 46 39.52 -11.46 6.55
CA ILE D 46 38.15 -11.93 6.40
C ILE D 46 37.78 -12.74 7.61
N THR D 47 36.96 -12.14 8.48
CA THR D 47 36.64 -12.80 9.74
C THR D 47 35.61 -13.90 9.55
N GLN D 48 35.76 -14.97 10.33
CA GLN D 48 34.83 -16.09 10.30
C GLN D 48 33.67 -15.84 11.27
N PHE D 49 33.89 -14.99 12.26
CA PHE D 49 32.82 -14.65 13.19
C PHE D 49 32.51 -13.17 13.08
N PHE D 50 31.26 -12.79 13.40
CA PHE D 50 31.00 -11.38 13.62
C PHE D 50 31.26 -11.01 15.07
N ASP D 51 31.96 -9.90 15.28
CA ASP D 51 32.11 -9.30 16.59
C ASP D 51 32.49 -7.83 16.44
N THR D 52 32.66 -7.14 17.57
CA THR D 52 32.96 -5.71 17.56
C THR D 52 34.34 -5.36 16.97
N THR D 53 35.13 -6.36 16.58
CA THR D 53 36.41 -6.04 15.94
C THR D 53 36.28 -5.86 14.43
N VAL D 54 35.15 -6.32 13.88
CA VAL D 54 34.82 -6.15 12.47
C VAL D 54 34.69 -4.67 12.10
N THR D 55 35.27 -4.27 10.97
CA THR D 55 35.14 -2.89 10.50
C THR D 55 34.18 -2.73 9.31
N ILE D 56 34.09 -3.79 8.50
CA ILE D 56 33.21 -3.80 7.35
C ILE D 56 32.42 -5.10 7.32
N VAL D 57 31.10 -4.97 7.15
CA VAL D 57 30.24 -6.12 6.92
C VAL D 57 29.71 -6.04 5.48
N ILE D 58 29.84 -7.12 4.74
CA ILE D 58 29.33 -7.16 3.38
C ILE D 58 28.14 -8.10 3.32
N THR D 59 27.01 -7.59 2.83
CA THR D 59 25.72 -8.28 2.96
C THR D 59 24.89 -8.30 1.67
N ARG D 60 23.99 -9.27 1.58
CA ARG D 60 23.10 -9.38 0.44
C ARG D 60 21.73 -8.87 0.85
N ARG D 61 21.64 -8.40 2.08
CA ARG D 61 20.36 -8.01 2.65
C ARG D 61 20.07 -6.51 2.52
N SER D 62 18.82 -6.15 2.82
CA SER D 62 18.34 -4.81 2.53
C SER D 62 18.91 -3.76 3.49
N VAL D 63 19.93 -3.04 3.03
CA VAL D 63 20.58 -2.03 3.86
C VAL D 63 19.58 -0.97 4.34
N GLU D 64 18.87 -0.37 3.38
CA GLU D 64 17.90 0.67 3.70
CA GLU D 64 17.85 0.64 3.67
C GLU D 64 16.89 0.22 4.76
N ASN D 65 16.71 -1.10 4.93
CA ASN D 65 15.76 -1.62 5.93
C ASN D 65 16.36 -2.18 7.24
N ILE D 66 17.64 -1.93 7.49
CA ILE D 66 18.24 -2.44 8.73
C ILE D 66 17.49 -2.02 10.00
N TYR D 67 16.93 -0.81 9.98
CA TYR D 67 16.26 -0.24 11.14
C TYR D 67 15.03 -1.01 11.60
N LEU D 68 14.54 -1.92 10.76
CA LEU D 68 13.42 -2.78 11.14
C LEU D 68 13.92 -4.05 11.81
N LEU D 69 15.22 -4.29 11.75
CA LEU D 69 15.79 -5.53 12.25
C LEU D 69 15.94 -5.55 13.77
N LYS D 70 15.78 -6.74 14.36
CA LYS D 70 16.07 -6.96 15.78
C LYS D 70 17.44 -6.40 16.15
N ASP D 71 17.57 -5.94 17.39
CA ASP D 71 18.84 -5.38 17.88
C ASP D 71 19.98 -6.39 17.86
N THR D 72 19.63 -7.67 18.00
CA THR D 72 20.60 -8.75 18.03
C THR D 72 21.09 -9.17 16.65
N ASP D 73 20.41 -8.73 15.61
CA ASP D 73 20.81 -9.01 14.24
C ASP D 73 22.17 -8.38 14.00
N ILE D 74 23.07 -9.06 13.30
CA ILE D 74 24.42 -8.51 13.13
C ILE D 74 24.42 -7.19 12.39
N LEU D 75 23.41 -6.97 11.54
CA LEU D 75 23.34 -5.71 10.81
C LEU D 75 23.01 -4.53 11.72
N SER D 76 22.10 -4.72 12.68
CA SER D 76 21.84 -3.69 13.68
C SER D 76 23.14 -3.40 14.42
N ARG D 77 23.77 -4.46 14.93
CA ARG D 77 25.01 -4.28 15.68
C ARG D 77 26.03 -3.54 14.83
N ALA D 78 26.19 -3.93 13.57
CA ALA D 78 27.18 -3.26 12.73
C ALA D 78 26.90 -1.76 12.66
N LYS D 79 25.61 -1.43 12.64
CA LYS D 79 25.18 -0.04 12.53
C LYS D 79 25.54 0.75 13.79
N LYS D 80 25.16 0.24 14.96
CA LYS D 80 25.49 0.89 16.23
C LYS D 80 27.00 1.08 16.42
N ASN D 81 27.77 0.02 16.25
CA ASN D 81 29.22 0.09 16.40
C ASN D 81 29.86 0.89 15.26
N TYR D 82 29.03 1.54 14.46
CA TYR D 82 29.50 2.42 13.41
C TYR D 82 30.34 1.74 12.35
N MET D 83 30.04 0.48 12.07
CA MET D 83 30.77 -0.24 11.03
C MET D 83 30.22 0.12 9.67
N LYS D 84 31.06 -0.04 8.64
CA LYS D 84 30.61 0.10 7.26
C LYS D 84 29.78 -1.12 6.81
N VAL D 85 28.60 -0.87 6.26
CA VAL D 85 27.77 -1.94 5.69
C VAL D 85 27.64 -1.80 4.17
N TRP D 86 28.12 -2.81 3.44
CA TRP D 86 28.21 -2.75 2.00
C TRP D 86 27.48 -3.90 1.35
N SER D 87 26.87 -3.62 0.20
CA SER D 87 26.21 -4.63 -0.61
C SER D 87 27.26 -5.23 -1.53
N TYR D 88 26.97 -6.41 -2.07
CA TYR D 88 27.86 -7.01 -3.05
C TYR D 88 28.16 -6.03 -4.17
N GLU D 89 27.21 -5.15 -4.44
CA GLU D 89 27.34 -4.17 -5.52
C GLU D 89 28.33 -3.08 -5.16
N LYS D 90 28.11 -2.41 -4.04
CA LYS D 90 29.03 -1.35 -3.61
C LYS D 90 30.43 -1.90 -3.43
N ALA D 91 30.52 -3.07 -2.81
CA ALA D 91 31.82 -3.66 -2.53
C ALA D 91 32.54 -3.90 -3.83
N ALA D 92 31.88 -4.58 -4.75
CA ALA D 92 32.52 -4.96 -6.03
C ALA D 92 33.09 -3.76 -6.76
N ARG D 93 32.60 -2.56 -6.42
CA ARG D 93 33.08 -1.34 -7.04
C ARG D 93 34.46 -1.03 -6.51
N PHE D 94 34.59 -1.10 -5.19
CA PHE D 94 35.86 -0.94 -4.49
C PHE D 94 36.97 -1.76 -5.14
N LEU D 95 36.72 -3.07 -5.27
CA LEU D 95 37.73 -4.00 -5.76
C LEU D 95 38.22 -3.72 -7.19
N LYS D 96 37.29 -3.30 -8.03
CA LYS D 96 37.61 -2.92 -9.40
C LYS D 96 38.17 -1.49 -9.50
N ASN D 97 37.66 -0.60 -8.64
CA ASN D 97 38.24 0.74 -8.51
C ASN D 97 39.76 0.68 -8.29
N LEU D 98 40.21 -0.36 -7.58
CA LEU D 98 41.63 -0.55 -7.32
C LEU D 98 42.19 -1.71 -8.12
N ASP D 99 41.59 -1.96 -9.27
CA ASP D 99 42.18 -2.85 -10.27
C ASP D 99 42.32 -4.33 -9.89
N VAL D 100 41.21 -4.96 -9.51
CA VAL D 100 41.16 -6.42 -9.41
C VAL D 100 40.04 -6.98 -10.31
N ASP D 101 40.34 -8.07 -11.01
CA ASP D 101 39.36 -8.70 -11.87
C ASP D 101 39.11 -10.16 -11.53
N LYS E 5 50.13 -12.08 43.10
CA LYS E 5 50.84 -12.99 43.99
C LYS E 5 51.34 -14.27 43.29
N ARG E 6 50.66 -14.70 42.24
CA ARG E 6 51.04 -15.94 41.55
C ARG E 6 51.88 -15.78 40.28
N ASP E 7 52.41 -16.90 39.80
CA ASP E 7 53.24 -16.95 38.60
C ASP E 7 52.41 -16.70 37.36
N SER E 8 52.86 -15.79 36.51
CA SER E 8 52.17 -15.57 35.25
C SER E 8 52.72 -16.49 34.17
N ARG E 9 51.81 -17.25 33.56
CA ARG E 9 52.15 -18.19 32.51
C ARG E 9 51.25 -17.93 31.33
N ILE E 10 51.86 -17.45 30.26
CA ILE E 10 51.12 -16.97 29.12
C ILE E 10 51.29 -17.95 27.99
N TYR E 11 50.17 -18.34 27.39
CA TYR E 11 50.15 -19.19 26.21
C TYR E 11 49.60 -18.38 25.03
N PHE E 12 50.35 -18.35 23.94
CA PHE E 12 49.91 -17.71 22.72
C PHE E 12 49.19 -18.70 21.82
N ASP E 13 47.86 -18.55 21.75
CA ASP E 13 46.99 -19.36 20.91
C ASP E 13 47.55 -19.36 19.49
N ILE E 14 47.72 -20.54 18.92
CA ILE E 14 48.31 -20.68 17.59
C ILE E 14 47.23 -20.79 16.49
N THR E 15 45.99 -21.07 16.89
CA THR E 15 44.88 -21.21 15.96
C THR E 15 44.26 -19.88 15.56
N ASP E 16 43.95 -19.70 14.28
CA ASP E 16 43.28 -18.49 13.79
C ASP E 16 41.81 -18.74 13.48
N ASP E 17 41.01 -17.67 13.45
CA ASP E 17 39.64 -17.77 12.94
C ASP E 17 39.34 -16.64 11.95
N VAL E 18 40.33 -16.35 11.13
CA VAL E 18 40.30 -15.23 10.20
C VAL E 18 41.15 -15.62 8.99
N GLU E 19 40.78 -15.15 7.80
CA GLU E 19 41.59 -15.42 6.61
C GLU E 19 42.38 -14.17 6.24
N MET E 20 43.60 -14.40 5.76
CA MET E 20 44.52 -13.29 5.52
C MET E 20 45.66 -13.74 4.61
N ASN E 21 46.24 -12.77 3.90
CA ASN E 21 47.39 -13.06 3.05
C ASN E 21 48.64 -13.24 3.90
N THR E 22 49.61 -13.96 3.33
CA THR E 22 50.89 -14.16 3.95
C THR E 22 51.46 -12.89 4.59
N TYR E 23 51.38 -11.77 3.89
CA TYR E 23 51.84 -10.51 4.46
C TYR E 23 51.24 -10.24 5.83
N ASN E 24 49.91 -10.21 5.91
CA ASN E 24 49.21 -9.98 7.18
C ASN E 24 49.57 -11.03 8.23
N LYS E 25 49.87 -12.23 7.78
CA LYS E 25 50.22 -13.32 8.69
C LYS E 25 51.58 -13.07 9.34
N SER E 26 52.55 -12.63 8.53
CA SER E 26 53.86 -12.27 9.05
C SER E 26 53.77 -11.02 9.93
N LYS E 27 52.89 -10.09 9.57
CA LYS E 27 52.65 -8.91 10.39
C LYS E 27 52.14 -9.30 11.77
N MET E 28 51.25 -10.29 11.81
CA MET E 28 50.72 -10.79 13.07
C MET E 28 51.81 -11.46 13.90
N ASP E 29 52.68 -12.21 13.22
CA ASP E 29 53.78 -12.90 13.88
C ASP E 29 54.71 -11.91 14.56
N LYS E 30 54.98 -10.80 13.89
CA LYS E 30 55.77 -9.73 14.49
C LYS E 30 55.08 -9.20 15.74
N ARG E 31 53.81 -8.84 15.61
CA ARG E 31 53.07 -8.35 16.76
C ARG E 31 53.13 -9.35 17.91
N ARG E 32 52.98 -10.63 17.59
CA ARG E 32 53.03 -11.69 18.59
C ARG E 32 54.38 -11.68 19.32
N ASP E 33 55.46 -11.56 18.56
CA ASP E 33 56.79 -11.66 19.14
C ASP E 33 57.14 -10.45 19.99
N LEU E 34 56.58 -9.29 19.62
CA LEU E 34 56.73 -8.08 20.42
C LEU E 34 56.05 -8.19 21.76
N LEU E 35 54.85 -8.78 21.76
CA LEU E 35 54.10 -8.95 22.99
C LEU E 35 54.83 -9.97 23.87
N LYS E 36 55.30 -11.03 23.25
CA LYS E 36 56.11 -12.04 23.92
C LYS E 36 57.30 -11.38 24.62
N ARG E 37 58.07 -10.59 23.87
CA ARG E 37 59.20 -9.87 24.45
C ARG E 37 58.78 -9.01 25.64
N GLY E 38 57.73 -8.22 25.46
CA GLY E 38 57.24 -7.35 26.52
C GLY E 38 56.90 -8.11 27.79
N PHE E 39 56.24 -9.25 27.67
CA PHE E 39 55.87 -10.00 28.85
C PHE E 39 57.04 -10.76 29.49
N LEU E 40 58.00 -11.19 28.68
CA LEU E 40 59.19 -11.82 29.21
C LEU E 40 59.93 -10.86 30.13
N THR E 41 59.95 -9.60 29.73
CA THR E 41 60.60 -8.53 30.48
C THR E 41 59.99 -8.31 31.86
N LEU E 42 58.73 -8.67 32.04
CA LEU E 42 58.04 -8.48 33.32
C LEU E 42 58.09 -9.76 34.16
N GLY E 43 58.78 -10.77 33.65
CA GLY E 43 58.93 -12.01 34.39
C GLY E 43 57.88 -13.08 34.16
N ALA E 44 57.15 -12.97 33.05
CA ALA E 44 56.21 -14.02 32.68
C ALA E 44 56.92 -15.18 31.99
N GLN E 45 56.36 -16.37 32.16
CA GLN E 45 56.82 -17.55 31.42
C GLN E 45 55.93 -17.73 30.20
N ILE E 46 56.54 -17.90 29.02
CA ILE E 46 55.80 -18.14 27.80
C ILE E 46 55.75 -19.63 27.49
N THR E 47 54.58 -20.24 27.70
CA THR E 47 54.44 -21.69 27.62
C THR E 47 54.36 -22.22 26.18
N GLN E 48 54.93 -23.39 25.97
CA GLN E 48 54.94 -24.02 24.67
C GLN E 48 53.62 -24.75 24.47
N PHE E 49 53.14 -25.34 25.55
CA PHE E 49 51.91 -26.10 25.58
C PHE E 49 50.84 -25.37 26.35
N PHE E 50 49.58 -25.64 26.01
CA PHE E 50 48.49 -25.21 26.85
C PHE E 50 48.18 -26.29 27.85
N ASP E 51 47.93 -25.88 29.10
CA ASP E 51 47.43 -26.81 30.11
C ASP E 51 46.82 -25.99 31.24
N THR E 52 46.43 -26.65 32.32
CA THR E 52 45.72 -25.94 33.37
C THR E 52 46.58 -25.03 34.25
N THR E 53 47.90 -25.01 34.01
CA THR E 53 48.77 -24.11 34.79
C THR E 53 48.86 -22.74 34.14
N VAL E 54 48.45 -22.64 32.88
CA VAL E 54 48.41 -21.37 32.16
C VAL E 54 47.49 -20.38 32.89
N THR E 55 47.89 -19.11 32.97
CA THR E 55 47.05 -18.11 33.63
C THR E 55 46.46 -17.08 32.67
N ILE E 56 47.11 -16.89 31.53
CA ILE E 56 46.68 -15.93 30.53
C ILE E 56 46.83 -16.57 29.16
N VAL E 57 45.78 -16.52 28.34
CA VAL E 57 45.91 -16.89 26.93
C VAL E 57 45.84 -15.63 26.10
N ILE E 58 46.73 -15.50 25.12
CA ILE E 58 46.68 -14.35 24.23
C ILE E 58 46.39 -14.87 22.82
N THR E 59 45.31 -14.37 22.24
CA THR E 59 44.75 -14.97 21.02
C THR E 59 44.38 -13.97 19.91
N ARG E 60 44.52 -14.41 18.66
CA ARG E 60 44.10 -13.61 17.51
C ARG E 60 42.64 -13.93 17.15
N ARG E 61 41.99 -14.77 17.95
CA ARG E 61 40.64 -15.23 17.66
C ARG E 61 39.55 -14.44 18.37
N SER E 62 38.30 -14.77 18.04
CA SER E 62 37.15 -14.00 18.48
C SER E 62 36.76 -14.31 19.91
N VAL E 63 37.04 -13.39 20.81
CA VAL E 63 36.82 -13.62 22.23
C VAL E 63 35.33 -13.68 22.53
N GLU E 64 34.58 -12.70 22.01
CA GLU E 64 33.12 -12.66 22.15
CA GLU E 64 33.13 -12.66 22.20
C GLU E 64 32.47 -13.98 21.78
N ASN E 65 33.07 -14.69 20.82
CA ASN E 65 32.44 -15.89 20.30
C ASN E 65 32.91 -17.22 20.86
N ILE E 66 33.68 -17.16 21.94
CA ILE E 66 34.24 -18.38 22.50
C ILE E 66 33.15 -19.39 22.84
N TYR E 67 31.99 -18.89 23.30
CA TYR E 67 30.90 -19.80 23.71
C TYR E 67 30.48 -20.76 22.60
N LEU E 68 30.79 -20.41 21.36
CA LEU E 68 30.45 -21.25 20.20
C LEU E 68 31.47 -22.33 19.86
N LEU E 69 32.49 -22.49 20.69
CA LEU E 69 33.59 -23.40 20.38
C LEU E 69 33.41 -24.74 21.07
N LYS E 70 33.95 -25.80 20.48
CA LYS E 70 34.00 -27.09 21.17
C LYS E 70 34.71 -26.91 22.53
N ASP E 71 34.31 -27.71 23.52
CA ASP E 71 34.84 -27.59 24.87
CA ASP E 71 34.86 -27.57 24.87
C ASP E 71 36.30 -28.07 24.97
N THR E 72 36.78 -28.68 23.90
CA THR E 72 38.17 -29.13 23.86
C THR E 72 39.06 -28.05 23.29
N ASP E 73 38.44 -26.95 22.84
CA ASP E 73 39.20 -25.81 22.32
C ASP E 73 39.86 -25.09 23.50
N ILE E 74 41.14 -24.78 23.35
CA ILE E 74 41.88 -24.16 24.47
C ILE E 74 41.18 -22.90 24.98
N LEU E 75 40.51 -22.15 24.09
CA LEU E 75 39.78 -20.97 24.54
C LEU E 75 38.58 -21.30 25.42
N SER E 76 37.93 -22.43 25.19
CA SER E 76 36.80 -22.83 26.04
C SER E 76 37.37 -23.33 27.34
N ARG E 77 38.46 -24.07 27.25
CA ARG E 77 39.16 -24.54 28.44
C ARG E 77 39.66 -23.35 29.26
N ALA E 78 40.30 -22.39 28.60
CA ALA E 78 40.83 -21.22 29.30
C ALA E 78 39.72 -20.52 30.06
N LYS E 79 38.62 -20.25 29.37
CA LYS E 79 37.52 -19.51 29.98
C LYS E 79 36.94 -20.30 31.13
N LYS E 80 36.75 -21.59 30.91
CA LYS E 80 36.22 -22.48 31.95
C LYS E 80 37.09 -22.51 33.19
N ASN E 81 38.41 -22.32 33.02
CA ASN E 81 39.35 -22.37 34.15
C ASN E 81 39.73 -21.00 34.69
N TYR E 82 38.95 -19.98 34.35
CA TYR E 82 39.13 -18.64 34.93
C TYR E 82 40.42 -17.93 34.51
N MET E 83 41.08 -18.44 33.48
CA MET E 83 42.26 -17.75 32.95
C MET E 83 41.81 -16.45 32.30
N LYS E 84 42.73 -15.53 32.12
CA LYS E 84 42.41 -14.33 31.35
C LYS E 84 42.62 -14.68 29.92
N VAL E 85 41.70 -14.23 29.07
CA VAL E 85 41.82 -14.38 27.63
C VAL E 85 41.87 -13.01 27.00
N TRP E 86 42.93 -12.75 26.25
CA TRP E 86 43.21 -11.41 25.75
C TRP E 86 43.48 -11.42 24.27
N SER E 87 43.05 -10.36 23.60
CA SER E 87 43.39 -10.14 22.22
C SER E 87 44.74 -9.44 22.19
N TYR E 88 45.40 -9.48 21.05
CA TYR E 88 46.65 -8.78 20.87
C TYR E 88 46.51 -7.30 21.22
N GLU E 89 45.37 -6.71 20.86
CA GLU E 89 45.13 -5.30 21.11
C GLU E 89 45.06 -4.99 22.61
N LYS E 90 44.37 -5.84 23.35
CA LYS E 90 44.29 -5.65 24.79
C LYS E 90 45.66 -5.82 25.47
N ALA E 91 46.43 -6.83 25.06
CA ALA E 91 47.73 -7.13 25.68
C ALA E 91 48.71 -5.99 25.50
N ALA E 92 48.68 -5.46 24.27
CA ALA E 92 49.52 -4.33 23.87
C ALA E 92 49.15 -3.08 24.66
N ARG E 93 47.85 -2.89 24.85
CA ARG E 93 47.36 -1.76 25.63
C ARG E 93 47.91 -1.88 27.06
N PHE E 94 47.85 -3.07 27.61
CA PHE E 94 48.37 -3.30 28.96
C PHE E 94 49.85 -2.90 29.09
N LEU E 95 50.67 -3.36 28.15
CA LEU E 95 52.08 -3.05 28.13
C LEU E 95 52.34 -1.57 27.93
N LYS E 96 51.43 -0.88 27.25
CA LYS E 96 51.64 0.53 26.95
C LYS E 96 51.35 1.40 28.18
N ASN E 97 50.36 0.98 28.95
CA ASN E 97 50.04 1.61 30.22
C ASN E 97 51.25 1.74 31.16
N LEU E 98 52.20 0.82 31.04
CA LEU E 98 53.34 0.75 31.96
C LEU E 98 54.45 1.68 31.50
N ASP E 99 54.44 2.00 30.22
CA ASP E 99 55.37 2.95 29.61
C ASP E 99 55.15 4.38 30.13
N VAL E 100 56.19 5.21 30.05
CA VAL E 100 56.17 6.60 30.52
C VAL E 100 55.64 7.56 29.47
#